data_9GJ4
# 
_entry.id   9GJ4 
# 
_audit_conform.dict_name       mmcif_pdbx.dic 
_audit_conform.dict_version    5.404 
_audit_conform.dict_location   http://mmcif.pdb.org/dictionaries/ascii/mmcif_pdbx.dic 
# 
loop_
_database_2.database_id 
_database_2.database_code 
_database_2.pdbx_database_accession 
_database_2.pdbx_DOI 
PDB   9GJ4         pdb_00009gj4 10.2210/pdb9gj4/pdb 
WWPDB D_1292141094 ?            ?                   
# 
_pdbx_audit_revision_history.ordinal             1 
_pdbx_audit_revision_history.data_content_type   'Structure model' 
_pdbx_audit_revision_history.major_revision      1 
_pdbx_audit_revision_history.minor_revision      0 
_pdbx_audit_revision_history.revision_date       2025-07-09 
_pdbx_audit_revision_history.part_number         ? 
# 
_pdbx_audit_revision_details.ordinal             1 
_pdbx_audit_revision_details.revision_ordinal    1 
_pdbx_audit_revision_details.data_content_type   'Structure model' 
_pdbx_audit_revision_details.provider            repository 
_pdbx_audit_revision_details.type                'Initial release' 
_pdbx_audit_revision_details.description         ? 
_pdbx_audit_revision_details.details             ? 
# 
_pdbx_database_status.status_code                     REL 
_pdbx_database_status.status_code_sf                  REL 
_pdbx_database_status.status_code_mr                  ? 
_pdbx_database_status.entry_id                        9GJ4 
_pdbx_database_status.recvd_initial_deposition_date   2024-08-21 
_pdbx_database_status.SG_entry                        N 
_pdbx_database_status.deposit_site                    PDBE 
_pdbx_database_status.process_site                    PDBE 
_pdbx_database_status.status_code_cs                  ? 
_pdbx_database_status.status_code_nmr_data            ? 
_pdbx_database_status.methods_development_category    ? 
_pdbx_database_status.pdb_format_compatible           Y 
# 
_pdbx_contact_author.id                 2 
_pdbx_contact_author.email              perczel.andras@ttk.elte.hu 
_pdbx_contact_author.name_first         Andras 
_pdbx_contact_author.name_last          Perczel 
_pdbx_contact_author.name_mi            ? 
_pdbx_contact_author.role               'principal investigator/group leader' 
_pdbx_contact_author.identifier_ORCID   0000-0003-1252-6416 
# 
_audit_author.name               'Durvanger, Z.' 
_audit_author.pdbx_ordinal       1 
_audit_author.identifier_ORCID   0000-0002-2652-4916 
# 
_citation.abstract                  ? 
_citation.abstract_id_CAS           ? 
_citation.book_id_ISBN              ? 
_citation.book_publisher            ? 
_citation.book_publisher_city       ? 
_citation.book_title                ? 
_citation.coordinate_linkage        ? 
_citation.country                   GE 
_citation.database_id_Medline       ? 
_citation.details                   ? 
_citation.id                        primary 
_citation.journal_abbrev            Chemistry 
_citation.journal_id_ASTM           ? 
_citation.journal_id_CSD            ? 
_citation.journal_id_ISSN           0947-6539 
_citation.journal_full              ? 
_citation.journal_issue             ? 
_citation.journal_volume            31 
_citation.language                  ? 
_citation.page_first                e202404669 
_citation.page_last                 e202404669 
_citation.title                     
'Chemical Evolution of Early Macromolecules: From Prebiotic Oligopeptides to Self-Organizing Biosystems via Amyloid Formation.' 
_citation.year                      2025 
_citation.database_id_CSD           ? 
_citation.pdbx_database_id_DOI      10.1002/chem.202404669 
_citation.pdbx_database_id_PubMed   40197673 
_citation.pdbx_database_id_patent   ? 
_citation.unpublished_flag          ? 
# 
loop_
_citation_author.citation_id 
_citation_author.name 
_citation_author.ordinal 
_citation_author.identifier_ORCID 
primary 'Bencs, F.'     1 0009-0003-9246-2228 
primary 'Taricska, N.'  2 0000-0002-9721-953X 
primary 'Durvanger, Z.' 3 0000-0002-2652-4916 
primary 'Horvath, D.'   4 0000-0001-8239-3933 
primary 'Fazekas, Z.'   5 0000-0001-5007-4807 
primary 'Grolmusz, V.'  6 0000-0001-9456-8876 
primary 'Farkas, V.'    7 0000-0002-8815-2783 
primary 'Perczel, A.'   8 0000-0003-1252-6416 
# 
loop_
_entity.id 
_entity.type 
_entity.src_method 
_entity.pdbx_description 
_entity.formula_weight 
_entity.pdbx_number_of_molecules 
_entity.pdbx_ec 
_entity.pdbx_mutation 
_entity.pdbx_fragment 
_entity.details 
1 polymer syn 'Peptide LYNleQNY' 812.910 1 ? ? ? ? 
2 water   nat water              18.015  1 ? ? ? ? 
# 
_entity_poly.entity_id                      1 
_entity_poly.type                           'polypeptide(L)' 
_entity_poly.nstd_linkage                   no 
_entity_poly.nstd_monomer                   yes 
_entity_poly.pdbx_seq_one_letter_code       'LY(NLE)QNY' 
_entity_poly.pdbx_seq_one_letter_code_can   LYLQNY 
_entity_poly.pdbx_strand_id                 A 
_entity_poly.pdbx_target_identifier         ? 
# 
_pdbx_entity_nonpoly.entity_id   2 
_pdbx_entity_nonpoly.name        water 
_pdbx_entity_nonpoly.comp_id     HOH 
# 
loop_
_entity_poly_seq.entity_id 
_entity_poly_seq.num 
_entity_poly_seq.mon_id 
_entity_poly_seq.hetero 
1 1 LEU n 
1 2 TYR n 
1 3 NLE n 
1 4 GLN n 
1 5 ASN n 
1 6 TYR n 
# 
_pdbx_entity_src_syn.entity_id              1 
_pdbx_entity_src_syn.pdbx_src_id            1 
_pdbx_entity_src_syn.pdbx_alt_source_flag   sample 
_pdbx_entity_src_syn.pdbx_beg_seq_num       1 
_pdbx_entity_src_syn.pdbx_end_seq_num       6 
_pdbx_entity_src_syn.organism_scientific    'synthetic construct' 
_pdbx_entity_src_syn.organism_common_name   ? 
_pdbx_entity_src_syn.ncbi_taxonomy_id       32630 
_pdbx_entity_src_syn.details                ? 
# 
loop_
_chem_comp.id 
_chem_comp.type 
_chem_comp.mon_nstd_flag 
_chem_comp.name 
_chem_comp.pdbx_synonyms 
_chem_comp.formula 
_chem_comp.formula_weight 
ASN 'L-peptide linking' y ASPARAGINE ? 'C4 H8 N2 O3'  132.118 
GLN 'L-peptide linking' y GLUTAMINE  ? 'C5 H10 N2 O3' 146.144 
HOH non-polymer         . WATER      ? 'H2 O'         18.015  
LEU 'L-peptide linking' y LEUCINE    ? 'C6 H13 N O2'  131.173 
NLE 'L-peptide linking' n NORLEUCINE ? 'C6 H13 N O2'  131.173 
TYR 'L-peptide linking' y TYROSINE   ? 'C9 H11 N O3'  181.189 
# 
loop_
_pdbx_poly_seq_scheme.asym_id 
_pdbx_poly_seq_scheme.entity_id 
_pdbx_poly_seq_scheme.seq_id 
_pdbx_poly_seq_scheme.mon_id 
_pdbx_poly_seq_scheme.ndb_seq_num 
_pdbx_poly_seq_scheme.pdb_seq_num 
_pdbx_poly_seq_scheme.auth_seq_num 
_pdbx_poly_seq_scheme.pdb_mon_id 
_pdbx_poly_seq_scheme.auth_mon_id 
_pdbx_poly_seq_scheme.pdb_strand_id 
_pdbx_poly_seq_scheme.pdb_ins_code 
_pdbx_poly_seq_scheme.hetero 
A 1 1 LEU 1 1 1 LEU LEU A . n 
A 1 2 TYR 2 2 2 TYR TYR A . n 
A 1 3 NLE 3 3 3 NLE NLE A . n 
A 1 4 GLN 4 4 4 GLN GLN A . n 
A 1 5 ASN 5 5 5 ASN ASN A . n 
A 1 6 TYR 6 6 6 TYR TYR A . n 
# 
_pdbx_nonpoly_scheme.asym_id         B 
_pdbx_nonpoly_scheme.entity_id       2 
_pdbx_nonpoly_scheme.mon_id          HOH 
_pdbx_nonpoly_scheme.ndb_seq_num     1 
_pdbx_nonpoly_scheme.pdb_seq_num     101 
_pdbx_nonpoly_scheme.auth_seq_num    1 
_pdbx_nonpoly_scheme.pdb_mon_id      HOH 
_pdbx_nonpoly_scheme.auth_mon_id     HOH 
_pdbx_nonpoly_scheme.pdb_strand_id   A 
_pdbx_nonpoly_scheme.pdb_ins_code    . 
# 
loop_
_software.citation_id 
_software.classification 
_software.compiler_name 
_software.compiler_version 
_software.contact_author 
_software.contact_author_email 
_software.date 
_software.description 
_software.dependencies 
_software.hardware 
_software.language 
_software.location 
_software.mods 
_software.name 
_software.os 
_software.os_version 
_software.type 
_software.version 
_software.pdbx_ordinal 
? refinement       ? ? ? ? ? ? ? ? ? ? ? BUSTER      ? ? ? .           1 
? refinement       ? ? ? ? ? ? ? ? ? ? ? PHENIX      ? ? ? 1.20.1_4487 2 
? 'data reduction' ? ? ? ? ? ? ? ? ? ? ? CrysalisPro ? ? ? .           3 
? 'data scaling'   ? ? ? ? ? ? ? ? ? ? ? CrysalisPro ? ? ? .           4 
? phasing          ? ? ? ? ? ? ? ? ? ? ? PHASER      ? ? ? .           5 
# 
_cell.angle_alpha                  90.000 
_cell.angle_alpha_esd              ? 
_cell.angle_beta                   90.000 
_cell.angle_beta_esd               ? 
_cell.angle_gamma                  90.000 
_cell.angle_gamma_esd              ? 
_cell.entry_id                     9GJ4 
_cell.details                      ? 
_cell.formula_units_Z              ? 
_cell.length_a                     4.826 
_cell.length_a_esd                 ? 
_cell.length_b                     20.872 
_cell.length_b_esd                 ? 
_cell.length_c                     42.707 
_cell.length_c_esd                 ? 
_cell.volume                       4301.802 
_cell.volume_esd                   ? 
_cell.Z_PDB                        4 
_cell.reciprocal_angle_alpha       ? 
_cell.reciprocal_angle_beta        ? 
_cell.reciprocal_angle_gamma       ? 
_cell.reciprocal_angle_alpha_esd   ? 
_cell.reciprocal_angle_beta_esd    ? 
_cell.reciprocal_angle_gamma_esd   ? 
_cell.reciprocal_length_a          ? 
_cell.reciprocal_length_b          ? 
_cell.reciprocal_length_c          ? 
_cell.reciprocal_length_a_esd      ? 
_cell.reciprocal_length_b_esd      ? 
_cell.reciprocal_length_c_esd      ? 
_cell.pdbx_unique_axis             ? 
_cell.pdbx_esd_method              ? 
# 
_symmetry.entry_id                         9GJ4 
_symmetry.cell_setting                     ? 
_symmetry.Int_Tables_number                19 
_symmetry.space_group_name_Hall            'P 2ac 2ab' 
_symmetry.space_group_name_H-M             'P 21 21 21' 
_symmetry.pdbx_full_space_group_name_H-M   ? 
# 
_exptl.absorpt_coefficient_mu     ? 
_exptl.absorpt_correction_T_max   ? 
_exptl.absorpt_correction_T_min   ? 
_exptl.absorpt_correction_type    ? 
_exptl.absorpt_process_details    ? 
_exptl.entry_id                   9GJ4 
_exptl.crystals_number            1 
_exptl.details                    ? 
_exptl.method                     'X-RAY DIFFRACTION' 
_exptl.method_details             ? 
# 
_exptl_crystal.colour                       ? 
_exptl_crystal.density_diffrn               ? 
_exptl_crystal.density_Matthews             ? 
_exptl_crystal.density_method               ? 
_exptl_crystal.density_percent_sol          ? 
_exptl_crystal.description                  ? 
_exptl_crystal.F_000                        ? 
_exptl_crystal.id                           1 
_exptl_crystal.preparation                  ? 
_exptl_crystal.size_max                     ? 
_exptl_crystal.size_mid                     ? 
_exptl_crystal.size_min                     ? 
_exptl_crystal.size_rad                     ? 
_exptl_crystal.colour_lustre                ? 
_exptl_crystal.colour_modifier              ? 
_exptl_crystal.colour_primary               ? 
_exptl_crystal.density_meas                 ? 
_exptl_crystal.density_meas_esd             ? 
_exptl_crystal.density_meas_gt              ? 
_exptl_crystal.density_meas_lt              ? 
_exptl_crystal.density_meas_temp            ? 
_exptl_crystal.density_meas_temp_esd        ? 
_exptl_crystal.density_meas_temp_gt         ? 
_exptl_crystal.density_meas_temp_lt         ? 
_exptl_crystal.pdbx_crystal_image_url       ? 
_exptl_crystal.pdbx_crystal_image_format    ? 
_exptl_crystal.pdbx_mosaicity               ? 
_exptl_crystal.pdbx_mosaicity_esd           ? 
_exptl_crystal.pdbx_mosaic_method           ? 
_exptl_crystal.pdbx_mosaic_block_size       ? 
_exptl_crystal.pdbx_mosaic_block_size_esd   ? 
# 
_exptl_crystal_grow.apparatus       ? 
_exptl_crystal_grow.atmosphere      ? 
_exptl_crystal_grow.crystal_id      1 
_exptl_crystal_grow.details         ? 
_exptl_crystal_grow.method          'EVAPORATION, RECRYSTALLIZATION' 
_exptl_crystal_grow.method_ref      ? 
_exptl_crystal_grow.pH              ? 
_exptl_crystal_grow.pressure        ? 
_exptl_crystal_grow.pressure_esd    ? 
_exptl_crystal_grow.seeding         ? 
_exptl_crystal_grow.seeding_ref     ? 
_exptl_crystal_grow.temp_details    ? 
_exptl_crystal_grow.temp_esd        ? 
_exptl_crystal_grow.time            ? 
_exptl_crystal_grow.pdbx_details    '10 v/v% ethanol, 277K' 
_exptl_crystal_grow.pdbx_pH_range   ? 
_exptl_crystal_grow.temp            277 
# 
_diffrn.ambient_environment              ? 
_diffrn.ambient_temp                     100 
_diffrn.ambient_temp_details             ? 
_diffrn.ambient_temp_esd                 ? 
_diffrn.crystal_id                       1 
_diffrn.crystal_support                  ? 
_diffrn.crystal_treatment                ? 
_diffrn.details                          ? 
_diffrn.id                               1 
_diffrn.ambient_pressure                 ? 
_diffrn.ambient_pressure_esd             ? 
_diffrn.ambient_pressure_gt              ? 
_diffrn.ambient_pressure_lt              ? 
_diffrn.ambient_temp_gt                  ? 
_diffrn.ambient_temp_lt                  ? 
_diffrn.pdbx_serial_crystal_experiment   N 
# 
_diffrn_detector.details                      ? 
_diffrn_detector.detector                     PIXEL 
_diffrn_detector.diffrn_id                    1 
_diffrn_detector.type                         'RIGAKU HyPix-6000HE' 
_diffrn_detector.area_resol_mean              ? 
_diffrn_detector.dtime                        ? 
_diffrn_detector.pdbx_frames_total            ? 
_diffrn_detector.pdbx_collection_time_total   ? 
_diffrn_detector.pdbx_collection_date         2022-09-22 
_diffrn_detector.pdbx_frequency               ? 
_diffrn_detector.id                           ? 
_diffrn_detector.number_of_axes               ? 
# 
_diffrn_radiation.collimation                      ? 
_diffrn_radiation.diffrn_id                        1 
_diffrn_radiation.filter_edge                      ? 
_diffrn_radiation.inhomogeneity                    ? 
_diffrn_radiation.monochromator                    ? 
_diffrn_radiation.polarisn_norm                    ? 
_diffrn_radiation.polarisn_ratio                   ? 
_diffrn_radiation.probe                            ? 
_diffrn_radiation.type                             ? 
_diffrn_radiation.xray_symbol                      ? 
_diffrn_radiation.wavelength_id                    1 
_diffrn_radiation.pdbx_monochromatic_or_laue_m_l   M 
_diffrn_radiation.pdbx_wavelength_list             ? 
_diffrn_radiation.pdbx_wavelength                  ? 
_diffrn_radiation.pdbx_diffrn_protocol             'SINGLE WAVELENGTH' 
_diffrn_radiation.pdbx_analyzer                    ? 
_diffrn_radiation.pdbx_scattering_type             x-ray 
# 
_diffrn_radiation_wavelength.id           1 
_diffrn_radiation_wavelength.wavelength   1.54184 
_diffrn_radiation_wavelength.wt           1.0 
# 
_diffrn_source.current                     ? 
_diffrn_source.details                     ? 
_diffrn_source.diffrn_id                   1 
_diffrn_source.power                       ? 
_diffrn_source.size                        ? 
_diffrn_source.source                      'ROTATING ANODE' 
_diffrn_source.target                      ? 
_diffrn_source.type                        'RIGAKU PhotonJet-R' 
_diffrn_source.voltage                     ? 
_diffrn_source.take-off_angle              ? 
_diffrn_source.pdbx_wavelength_list        1.54184 
_diffrn_source.pdbx_wavelength             ? 
_diffrn_source.pdbx_synchrotron_beamline   ? 
_diffrn_source.pdbx_synchrotron_site       ? 
# 
_reflns.B_iso_Wilson_estimate                          8.93 
_reflns.entry_id                                       9GJ4 
_reflns.data_reduction_details                         ? 
_reflns.data_reduction_method                          ? 
_reflns.d_resolution_high                              1.55 
_reflns.d_resolution_low                               18.75 
_reflns.details                                        ? 
_reflns.limit_h_max                                    ? 
_reflns.limit_h_min                                    ? 
_reflns.limit_k_max                                    ? 
_reflns.limit_k_min                                    ? 
_reflns.limit_l_max                                    ? 
_reflns.limit_l_min                                    ? 
_reflns.number_all                                     ? 
_reflns.number_obs                                     786 
_reflns.observed_criterion                             ? 
_reflns.observed_criterion_F_max                       ? 
_reflns.observed_criterion_F_min                       ? 
_reflns.observed_criterion_I_max                       ? 
_reflns.observed_criterion_I_min                       ? 
_reflns.observed_criterion_sigma_F                     ? 
_reflns.observed_criterion_sigma_I                     ? 
_reflns.percent_possible_obs                           100 
_reflns.R_free_details                                 ? 
_reflns.Rmerge_F_all                                   ? 
_reflns.Rmerge_F_obs                                   ? 
_reflns.Friedel_coverage                               ? 
_reflns.number_gt                                      ? 
_reflns.threshold_expression                           ? 
_reflns.pdbx_redundancy                                5.63 
_reflns.pdbx_netI_over_av_sigmaI                       ? 
_reflns.pdbx_netI_over_sigmaI                          5.4 
_reflns.pdbx_res_netI_over_av_sigmaI_2                 ? 
_reflns.pdbx_res_netI_over_sigmaI_2                    ? 
_reflns.pdbx_chi_squared                               ? 
_reflns.pdbx_scaling_rejects                           ? 
_reflns.pdbx_d_res_high_opt                            ? 
_reflns.pdbx_d_res_low_opt                             ? 
_reflns.pdbx_d_res_opt_method                          ? 
_reflns.phase_calculation_details                      ? 
_reflns.pdbx_Rrim_I_all                                0.185 
_reflns.pdbx_Rpim_I_all                                ? 
_reflns.pdbx_d_opt                                     ? 
_reflns.pdbx_number_measured_all                       ? 
_reflns.pdbx_diffrn_id                                 1 
_reflns.pdbx_ordinal                                   1 
_reflns.pdbx_CC_half                                   0.992 
_reflns.pdbx_CC_star                                   ? 
_reflns.pdbx_R_split                                   ? 
_reflns.pdbx_Rmerge_I_obs                              ? 
_reflns.pdbx_Rmerge_I_all                              ? 
_reflns.pdbx_Rsym_value                                ? 
_reflns.pdbx_CC_split_method                           ? 
_reflns.pdbx_aniso_diffraction_limit_axis_1_ortho[1]   ? 
_reflns.pdbx_aniso_diffraction_limit_axis_1_ortho[2]   ? 
_reflns.pdbx_aniso_diffraction_limit_axis_1_ortho[3]   ? 
_reflns.pdbx_aniso_diffraction_limit_axis_2_ortho[1]   ? 
_reflns.pdbx_aniso_diffraction_limit_axis_2_ortho[2]   ? 
_reflns.pdbx_aniso_diffraction_limit_axis_2_ortho[3]   ? 
_reflns.pdbx_aniso_diffraction_limit_axis_3_ortho[1]   ? 
_reflns.pdbx_aniso_diffraction_limit_axis_3_ortho[2]   ? 
_reflns.pdbx_aniso_diffraction_limit_axis_3_ortho[3]   ? 
_reflns.pdbx_aniso_diffraction_limit_1                 ? 
_reflns.pdbx_aniso_diffraction_limit_2                 ? 
_reflns.pdbx_aniso_diffraction_limit_3                 ? 
_reflns.pdbx_aniso_B_tensor_eigenvector_1_ortho[1]     ? 
_reflns.pdbx_aniso_B_tensor_eigenvector_1_ortho[2]     ? 
_reflns.pdbx_aniso_B_tensor_eigenvector_1_ortho[3]     ? 
_reflns.pdbx_aniso_B_tensor_eigenvector_2_ortho[1]     ? 
_reflns.pdbx_aniso_B_tensor_eigenvector_2_ortho[2]     ? 
_reflns.pdbx_aniso_B_tensor_eigenvector_2_ortho[3]     ? 
_reflns.pdbx_aniso_B_tensor_eigenvector_3_ortho[1]     ? 
_reflns.pdbx_aniso_B_tensor_eigenvector_3_ortho[2]     ? 
_reflns.pdbx_aniso_B_tensor_eigenvector_3_ortho[3]     ? 
_reflns.pdbx_aniso_B_tensor_eigenvalue_1               ? 
_reflns.pdbx_aniso_B_tensor_eigenvalue_2               ? 
_reflns.pdbx_aniso_B_tensor_eigenvalue_3               ? 
_reflns.pdbx_orthogonalization_convention              ? 
_reflns.pdbx_percent_possible_ellipsoidal              ? 
_reflns.pdbx_percent_possible_spherical                ? 
_reflns.pdbx_percent_possible_ellipsoidal_anomalous    ? 
_reflns.pdbx_percent_possible_spherical_anomalous      ? 
_reflns.pdbx_redundancy_anomalous                      ? 
_reflns.pdbx_CC_half_anomalous                         ? 
_reflns.pdbx_absDiff_over_sigma_anomalous              ? 
_reflns.pdbx_percent_possible_anomalous                ? 
_reflns.pdbx_observed_signal_threshold                 ? 
_reflns.pdbx_signal_type                               ? 
_reflns.pdbx_signal_details                            ? 
_reflns.pdbx_signal_software_id                        ? 
# 
_reflns_shell.d_res_high                                    1.55 
_reflns_shell.d_res_low                                     1.61 
_reflns_shell.meanI_over_sigI_all                           ? 
_reflns_shell.meanI_over_sigI_obs                           1.5 
_reflns_shell.number_measured_all                           ? 
_reflns_shell.number_measured_obs                           ? 
_reflns_shell.number_possible                               ? 
_reflns_shell.number_unique_all                             ? 
_reflns_shell.number_unique_obs                             91 
_reflns_shell.percent_possible_obs                          ? 
_reflns_shell.Rmerge_F_all                                  ? 
_reflns_shell.Rmerge_F_obs                                  ? 
_reflns_shell.meanI_over_sigI_gt                            ? 
_reflns_shell.meanI_over_uI_all                             ? 
_reflns_shell.meanI_over_uI_gt                              ? 
_reflns_shell.number_measured_gt                            ? 
_reflns_shell.number_unique_gt                              ? 
_reflns_shell.percent_possible_gt                           ? 
_reflns_shell.Rmerge_F_gt                                   ? 
_reflns_shell.Rmerge_I_gt                                   ? 
_reflns_shell.pdbx_redundancy                               ? 
_reflns_shell.pdbx_chi_squared                              ? 
_reflns_shell.pdbx_netI_over_sigmaI_all                     ? 
_reflns_shell.pdbx_netI_over_sigmaI_obs                     ? 
_reflns_shell.pdbx_Rrim_I_all                               0.635 
_reflns_shell.pdbx_Rpim_I_all                               ? 
_reflns_shell.pdbx_rejects                                  ? 
_reflns_shell.pdbx_ordinal                                  1 
_reflns_shell.pdbx_diffrn_id                                1 
_reflns_shell.pdbx_CC_half                                  0.880 
_reflns_shell.pdbx_CC_star                                  ? 
_reflns_shell.pdbx_R_split                                  ? 
_reflns_shell.percent_possible_all                          ? 
_reflns_shell.Rmerge_I_all                                  ? 
_reflns_shell.Rmerge_I_obs                                  ? 
_reflns_shell.pdbx_Rsym_value                               ? 
_reflns_shell.pdbx_percent_possible_ellipsoidal             ? 
_reflns_shell.pdbx_percent_possible_spherical               ? 
_reflns_shell.pdbx_percent_possible_ellipsoidal_anomalous   ? 
_reflns_shell.pdbx_percent_possible_spherical_anomalous     ? 
_reflns_shell.pdbx_redundancy_anomalous                     ? 
_reflns_shell.pdbx_CC_half_anomalous                        ? 
_reflns_shell.pdbx_absDiff_over_sigma_anomalous             ? 
_reflns_shell.pdbx_percent_possible_anomalous               ? 
# 
_refine.aniso_B[1][1]                            ? 
_refine.aniso_B[1][2]                            ? 
_refine.aniso_B[1][3]                            ? 
_refine.aniso_B[2][2]                            ? 
_refine.aniso_B[2][3]                            ? 
_refine.aniso_B[3][3]                            ? 
_refine.B_iso_max                                ? 
_refine.B_iso_mean                               7.95 
_refine.B_iso_min                                ? 
_refine.correlation_coeff_Fo_to_Fc               ? 
_refine.correlation_coeff_Fo_to_Fc_free          ? 
_refine.details                                  ? 
_refine.diff_density_max                         ? 
_refine.diff_density_max_esd                     ? 
_refine.diff_density_min                         ? 
_refine.diff_density_min_esd                     ? 
_refine.diff_density_rms                         ? 
_refine.diff_density_rms_esd                     ? 
_refine.entry_id                                 9GJ4 
_refine.pdbx_refine_id                           'X-RAY DIFFRACTION' 
_refine.ls_abs_structure_details                 ? 
_refine.ls_abs_structure_Flack                   ? 
_refine.ls_abs_structure_Flack_esd               ? 
_refine.ls_abs_structure_Rogers                  ? 
_refine.ls_abs_structure_Rogers_esd              ? 
_refine.ls_d_res_high                            1.55 
_refine.ls_d_res_low                             18.75 
_refine.ls_extinction_coef                       ? 
_refine.ls_extinction_coef_esd                   ? 
_refine.ls_extinction_expression                 ? 
_refine.ls_extinction_method                     ? 
_refine.ls_goodness_of_fit_all                   ? 
_refine.ls_goodness_of_fit_all_esd               ? 
_refine.ls_goodness_of_fit_obs                   ? 
_refine.ls_goodness_of_fit_obs_esd               ? 
_refine.ls_hydrogen_treatment                    ? 
_refine.ls_matrix_type                           ? 
_refine.ls_number_constraints                    ? 
_refine.ls_number_parameters                     ? 
_refine.ls_number_reflns_all                     ? 
_refine.ls_number_reflns_obs                     782 
_refine.ls_number_reflns_R_free                  78 
_refine.ls_number_reflns_R_work                  704 
_refine.ls_number_restraints                     ? 
_refine.ls_percent_reflns_obs                    99.49 
_refine.ls_percent_reflns_R_free                 9.97 
_refine.ls_R_factor_all                          ? 
_refine.ls_R_factor_obs                          0.1377 
_refine.ls_R_factor_R_free                       0.1543 
_refine.ls_R_factor_R_free_error                 ? 
_refine.ls_R_factor_R_free_error_details         ? 
_refine.ls_R_factor_R_work                       0.1358 
_refine.ls_R_Fsqd_factor_obs                     ? 
_refine.ls_R_I_factor_obs                        ? 
_refine.ls_redundancy_reflns_all                 ? 
_refine.ls_redundancy_reflns_obs                 ? 
_refine.ls_restrained_S_all                      ? 
_refine.ls_restrained_S_obs                      ? 
_refine.ls_shift_over_esd_max                    ? 
_refine.ls_shift_over_esd_mean                   ? 
_refine.ls_structure_factor_coef                 ? 
_refine.ls_weighting_details                     ? 
_refine.ls_weighting_scheme                      ? 
_refine.ls_wR_factor_all                         ? 
_refine.ls_wR_factor_obs                         ? 
_refine.ls_wR_factor_R_free                      ? 
_refine.ls_wR_factor_R_work                      ? 
_refine.occupancy_max                            ? 
_refine.occupancy_min                            ? 
_refine.solvent_model_details                    'FLAT BULK SOLVENT MODEL' 
_refine.solvent_model_param_bsol                 ? 
_refine.solvent_model_param_ksol                 ? 
_refine.pdbx_R_complete                          ? 
_refine.ls_R_factor_gt                           ? 
_refine.ls_goodness_of_fit_gt                    ? 
_refine.ls_goodness_of_fit_ref                   ? 
_refine.ls_shift_over_su_max                     ? 
_refine.ls_shift_over_su_max_lt                  ? 
_refine.ls_shift_over_su_mean                    ? 
_refine.ls_shift_over_su_mean_lt                 ? 
_refine.pdbx_ls_sigma_I                          ? 
_refine.pdbx_ls_sigma_F                          1.35 
_refine.pdbx_ls_sigma_Fsqd                       ? 
_refine.pdbx_data_cutoff_high_absF               ? 
_refine.pdbx_data_cutoff_high_rms_absF           ? 
_refine.pdbx_data_cutoff_low_absF                ? 
_refine.pdbx_isotropic_thermal_model             ? 
_refine.pdbx_ls_cross_valid_method               'FREE R-VALUE' 
_refine.pdbx_method_to_determine_struct          'MOLECULAR REPLACEMENT' 
_refine.pdbx_starting_model                      ? 
_refine.pdbx_stereochemistry_target_values       'GeoStd + Monomer Library + CDL v1.2' 
_refine.pdbx_R_Free_selection_details            ? 
_refine.pdbx_stereochem_target_val_spec_case     ? 
_refine.pdbx_overall_ESU_R                       ? 
_refine.pdbx_overall_ESU_R_Free                  ? 
_refine.pdbx_solvent_vdw_probe_radii             1.1000 
_refine.pdbx_solvent_ion_probe_radii             ? 
_refine.pdbx_solvent_shrinkage_radii             0.9000 
_refine.pdbx_real_space_R                        ? 
_refine.pdbx_density_correlation                 ? 
_refine.pdbx_pd_number_of_powder_patterns        ? 
_refine.pdbx_pd_number_of_points                 ? 
_refine.pdbx_pd_meas_number_of_points            ? 
_refine.pdbx_pd_proc_ls_prof_R_factor            ? 
_refine.pdbx_pd_proc_ls_prof_wR_factor           ? 
_refine.pdbx_pd_Marquardt_correlation_coeff      ? 
_refine.pdbx_pd_Fsqrd_R_factor                   ? 
_refine.pdbx_pd_ls_matrix_band_width             ? 
_refine.pdbx_overall_phase_error                 8.8104 
_refine.pdbx_overall_SU_R_free_Cruickshank_DPI   ? 
_refine.pdbx_overall_SU_R_free_Blow_DPI          ? 
_refine.pdbx_overall_SU_R_Blow_DPI               ? 
_refine.pdbx_TLS_residual_ADP_flag               ? 
_refine.pdbx_diffrn_id                           1 
_refine.overall_SU_B                             ? 
_refine.overall_SU_ML                            0.0473 
_refine.overall_SU_R_Cruickshank_DPI             ? 
_refine.overall_SU_R_free                        ? 
_refine.overall_FOM_free_R_set                   ? 
_refine.overall_FOM_work_R_set                   ? 
_refine.pdbx_average_fsc_overall                 ? 
_refine.pdbx_average_fsc_work                    ? 
_refine.pdbx_average_fsc_free                    ? 
# 
_refine_hist.pdbx_refine_id                   'X-RAY DIFFRACTION' 
_refine_hist.cycle_id                         LAST 
_refine_hist.details                          ? 
_refine_hist.d_res_high                       1.55 
_refine_hist.d_res_low                        18.75 
_refine_hist.number_atoms_solvent             1 
_refine_hist.number_atoms_total               59 
_refine_hist.number_reflns_all                ? 
_refine_hist.number_reflns_obs                ? 
_refine_hist.number_reflns_R_free             ? 
_refine_hist.number_reflns_R_work             ? 
_refine_hist.R_factor_all                     ? 
_refine_hist.R_factor_obs                     ? 
_refine_hist.R_factor_R_free                  ? 
_refine_hist.R_factor_R_work                  ? 
_refine_hist.pdbx_number_residues_total       ? 
_refine_hist.pdbx_B_iso_mean_ligand           ? 
_refine_hist.pdbx_B_iso_mean_solvent          ? 
_refine_hist.pdbx_number_atoms_protein        58 
_refine_hist.pdbx_number_atoms_nucleic_acid   0 
_refine_hist.pdbx_number_atoms_ligand         0 
_refine_hist.pdbx_number_atoms_lipid          ? 
_refine_hist.pdbx_number_atoms_carb           ? 
_refine_hist.pdbx_pseudo_atom_details         ? 
# 
loop_
_refine_ls_restr.pdbx_refine_id 
_refine_ls_restr.criterion 
_refine_ls_restr.dev_ideal 
_refine_ls_restr.dev_ideal_target 
_refine_ls_restr.number 
_refine_ls_restr.rejects 
_refine_ls_restr.type 
_refine_ls_restr.weight 
_refine_ls_restr.pdbx_restraint_function 
'X-RAY DIFFRACTION' ? 0.0179  ? 65 ? f_bond_d           ? ? 
'X-RAY DIFFRACTION' ? 1.9154  ? 88 ? f_angle_d          ? ? 
'X-RAY DIFFRACTION' ? 0.0380  ? 9  ? f_chiral_restr     ? ? 
'X-RAY DIFFRACTION' ? 0.0118  ? 11 ? f_plane_restr      ? ? 
'X-RAY DIFFRACTION' ? 17.6130 ? 25 ? f_dihedral_angle_d ? ? 
# 
_refine_ls_shell.pdbx_refine_id                   'X-RAY DIFFRACTION' 
_refine_ls_shell.d_res_high                       1.55 
_refine_ls_shell.d_res_low                        18.75 
_refine_ls_shell.number_reflns_all                ? 
_refine_ls_shell.number_reflns_obs                ? 
_refine_ls_shell.number_reflns_R_free             78 
_refine_ls_shell.number_reflns_R_work             704 
_refine_ls_shell.percent_reflns_obs               99.49 
_refine_ls_shell.percent_reflns_R_free            ? 
_refine_ls_shell.R_factor_all                     ? 
_refine_ls_shell.R_factor_obs                     ? 
_refine_ls_shell.R_factor_R_free_error            ? 
_refine_ls_shell.R_factor_R_work                  0.1358 
_refine_ls_shell.redundancy_reflns_all            ? 
_refine_ls_shell.redundancy_reflns_obs            ? 
_refine_ls_shell.wR_factor_all                    ? 
_refine_ls_shell.wR_factor_obs                    ? 
_refine_ls_shell.wR_factor_R_free                 ? 
_refine_ls_shell.wR_factor_R_work                 ? 
_refine_ls_shell.pdbx_R_complete                  ? 
_refine_ls_shell.pdbx_total_number_of_bins_used   ? 
_refine_ls_shell.pdbx_phase_error                 ? 
_refine_ls_shell.pdbx_fsc_work                    ? 
_refine_ls_shell.pdbx_fsc_free                    ? 
_refine_ls_shell.R_factor_R_free                  0.1543 
# 
_struct.entry_id                     9GJ4 
_struct.title                        'Structure of the amyloid-forming peptide LYNleQNY' 
_struct.pdbx_model_details           ? 
_struct.pdbx_formula_weight          ? 
_struct.pdbx_formula_weight_method   ? 
_struct.pdbx_model_type_details      ? 
_struct.pdbx_CASP_flag               N 
# 
_struct_keywords.entry_id        9GJ4 
_struct_keywords.text            'amyloid, PROTEIN FIBRIL' 
_struct_keywords.pdbx_keywords   'PROTEIN FIBRIL' 
# 
loop_
_struct_asym.id 
_struct_asym.pdbx_blank_PDB_chainid_flag 
_struct_asym.pdbx_modified 
_struct_asym.entity_id 
_struct_asym.details 
A N N 1 ? 
B N N 2 ? 
# 
_struct_ref.id                         1 
_struct_ref.db_name                    PDB 
_struct_ref.db_code                    9GJ4 
_struct_ref.pdbx_db_accession          9GJ4 
_struct_ref.pdbx_db_isoform            ? 
_struct_ref.entity_id                  1 
_struct_ref.pdbx_seq_one_letter_code   ? 
_struct_ref.pdbx_align_begin           1 
# 
_struct_ref_seq.align_id                      1 
_struct_ref_seq.ref_id                        1 
_struct_ref_seq.pdbx_PDB_id_code              9GJ4 
_struct_ref_seq.pdbx_strand_id                A 
_struct_ref_seq.seq_align_beg                 1 
_struct_ref_seq.pdbx_seq_align_beg_ins_code   ? 
_struct_ref_seq.seq_align_end                 6 
_struct_ref_seq.pdbx_seq_align_end_ins_code   ? 
_struct_ref_seq.pdbx_db_accession             9GJ4 
_struct_ref_seq.db_align_beg                  1 
_struct_ref_seq.pdbx_db_align_beg_ins_code    ? 
_struct_ref_seq.db_align_end                  6 
_struct_ref_seq.pdbx_db_align_end_ins_code    ? 
_struct_ref_seq.pdbx_auth_seq_align_beg       1 
_struct_ref_seq.pdbx_auth_seq_align_end       6 
# 
_pdbx_struct_assembly.id                   1 
_pdbx_struct_assembly.details              author_defined_assembly 
_pdbx_struct_assembly.method_details       ? 
_pdbx_struct_assembly.oligomeric_details   monomeric 
_pdbx_struct_assembly.oligomeric_count     1 
# 
loop_
_pdbx_struct_assembly_prop.biol_id 
_pdbx_struct_assembly_prop.type 
_pdbx_struct_assembly_prop.value 
_pdbx_struct_assembly_prop.details 
1 'ABSA (A^2)' 0    ? 
1 MORE         0    ? 
1 'SSA (A^2)'  1010 ? 
# 
_pdbx_struct_assembly_gen.assembly_id       1 
_pdbx_struct_assembly_gen.oper_expression   1 
_pdbx_struct_assembly_gen.asym_id_list      A,B 
# 
_pdbx_struct_assembly_auth_evidence.id                     1 
_pdbx_struct_assembly_auth_evidence.assembly_id            1 
_pdbx_struct_assembly_auth_evidence.experimental_support   none 
_pdbx_struct_assembly_auth_evidence.details                ? 
# 
_pdbx_struct_oper_list.id                   1 
_pdbx_struct_oper_list.type                 'identity operation' 
_pdbx_struct_oper_list.name                 1_555 
_pdbx_struct_oper_list.symmetry_operation   x,y,z 
_pdbx_struct_oper_list.matrix[1][1]         1.0000000000 
_pdbx_struct_oper_list.matrix[1][2]         0.0000000000 
_pdbx_struct_oper_list.matrix[1][3]         0.0000000000 
_pdbx_struct_oper_list.vector[1]            0.0000000000 
_pdbx_struct_oper_list.matrix[2][1]         0.0000000000 
_pdbx_struct_oper_list.matrix[2][2]         1.0000000000 
_pdbx_struct_oper_list.matrix[2][3]         0.0000000000 
_pdbx_struct_oper_list.vector[2]            0.0000000000 
_pdbx_struct_oper_list.matrix[3][1]         0.0000000000 
_pdbx_struct_oper_list.matrix[3][2]         0.0000000000 
_pdbx_struct_oper_list.matrix[3][3]         1.0000000000 
_pdbx_struct_oper_list.vector[3]            0.0000000000 
# 
loop_
_struct_conn.id 
_struct_conn.conn_type_id 
_struct_conn.pdbx_leaving_atom_flag 
_struct_conn.pdbx_PDB_id 
_struct_conn.ptnr1_label_asym_id 
_struct_conn.ptnr1_label_comp_id 
_struct_conn.ptnr1_label_seq_id 
_struct_conn.ptnr1_label_atom_id 
_struct_conn.pdbx_ptnr1_label_alt_id 
_struct_conn.pdbx_ptnr1_PDB_ins_code 
_struct_conn.pdbx_ptnr1_standard_comp_id 
_struct_conn.ptnr1_symmetry 
_struct_conn.ptnr2_label_asym_id 
_struct_conn.ptnr2_label_comp_id 
_struct_conn.ptnr2_label_seq_id 
_struct_conn.ptnr2_label_atom_id 
_struct_conn.pdbx_ptnr2_label_alt_id 
_struct_conn.pdbx_ptnr2_PDB_ins_code 
_struct_conn.ptnr1_auth_asym_id 
_struct_conn.ptnr1_auth_comp_id 
_struct_conn.ptnr1_auth_seq_id 
_struct_conn.ptnr2_auth_asym_id 
_struct_conn.ptnr2_auth_comp_id 
_struct_conn.ptnr2_auth_seq_id 
_struct_conn.ptnr2_symmetry 
_struct_conn.pdbx_ptnr3_label_atom_id 
_struct_conn.pdbx_ptnr3_label_seq_id 
_struct_conn.pdbx_ptnr3_label_comp_id 
_struct_conn.pdbx_ptnr3_label_asym_id 
_struct_conn.pdbx_ptnr3_label_alt_id 
_struct_conn.pdbx_ptnr3_PDB_ins_code 
_struct_conn.details 
_struct_conn.pdbx_dist_value 
_struct_conn.pdbx_value_order 
_struct_conn.pdbx_role 
covale1 covale both ? A TYR 2 C ? ? ? 1_555 A NLE 3 N ? ? A TYR 2 A NLE 3 1_555 ? ? ? ? ? ? ? 1.314 ? ? 
covale2 covale both ? A NLE 3 C ? ? ? 1_555 A GLN 4 N ? ? A NLE 3 A GLN 4 1_555 ? ? ? ? ? ? ? 1.334 ? ? 
# 
_struct_conn_type.id          covale 
_struct_conn_type.criteria    ? 
_struct_conn_type.reference   ? 
# 
_pdbx_modification_feature.ordinal                            1 
_pdbx_modification_feature.label_comp_id                      NLE 
_pdbx_modification_feature.label_asym_id                      A 
_pdbx_modification_feature.label_seq_id                       3 
_pdbx_modification_feature.label_alt_id                       ? 
_pdbx_modification_feature.modified_residue_label_comp_id     . 
_pdbx_modification_feature.modified_residue_label_asym_id     . 
_pdbx_modification_feature.modified_residue_label_seq_id      . 
_pdbx_modification_feature.modified_residue_label_alt_id      . 
_pdbx_modification_feature.auth_comp_id                       NLE 
_pdbx_modification_feature.auth_asym_id                       A 
_pdbx_modification_feature.auth_seq_id                        3 
_pdbx_modification_feature.PDB_ins_code                       ? 
_pdbx_modification_feature.symmetry                           1_555 
_pdbx_modification_feature.modified_residue_auth_comp_id      . 
_pdbx_modification_feature.modified_residue_auth_asym_id      . 
_pdbx_modification_feature.modified_residue_auth_seq_id       . 
_pdbx_modification_feature.modified_residue_PDB_ins_code      . 
_pdbx_modification_feature.modified_residue_symmetry          . 
_pdbx_modification_feature.comp_id_linking_atom               . 
_pdbx_modification_feature.modified_residue_id_linking_atom   . 
_pdbx_modification_feature.modified_residue_id                LEU 
_pdbx_modification_feature.ref_pcm_id                         1 
_pdbx_modification_feature.ref_comp_id                        NLE 
_pdbx_modification_feature.type                               Norleucine 
_pdbx_modification_feature.category                           'Named protein modification' 
# 
_pdbx_entry_details.entry_id                   9GJ4 
_pdbx_entry_details.has_ligand_of_interest     N 
_pdbx_entry_details.compound_details           ? 
_pdbx_entry_details.source_details             ? 
_pdbx_entry_details.nonpolymer_details         ? 
_pdbx_entry_details.sequence_details           ? 
_pdbx_entry_details.has_protein_modification   Y 
# 
loop_
_space_group_symop.id 
_space_group_symop.operation_xyz 
1 x,y,z           
2 x+1/2,-y+1/2,-z 
3 -x,y+1/2,-z+1/2 
4 -x+1/2,-y,z+1/2 
# 
loop_
_chem_comp_atom.comp_id 
_chem_comp_atom.atom_id 
_chem_comp_atom.type_symbol 
_chem_comp_atom.pdbx_aromatic_flag 
_chem_comp_atom.pdbx_stereo_config 
_chem_comp_atom.pdbx_ordinal 
ASN N    N N N 1   
ASN CA   C N S 2   
ASN C    C N N 3   
ASN O    O N N 4   
ASN CB   C N N 5   
ASN CG   C N N 6   
ASN OD1  O N N 7   
ASN ND2  N N N 8   
ASN OXT  O N N 9   
ASN H    H N N 10  
ASN H2   H N N 11  
ASN HA   H N N 12  
ASN HB2  H N N 13  
ASN HB3  H N N 14  
ASN HD21 H N N 15  
ASN HD22 H N N 16  
ASN HXT  H N N 17  
GLN N    N N N 18  
GLN CA   C N S 19  
GLN C    C N N 20  
GLN O    O N N 21  
GLN CB   C N N 22  
GLN CG   C N N 23  
GLN CD   C N N 24  
GLN OE1  O N N 25  
GLN NE2  N N N 26  
GLN OXT  O N N 27  
GLN H    H N N 28  
GLN H2   H N N 29  
GLN HA   H N N 30  
GLN HB2  H N N 31  
GLN HB3  H N N 32  
GLN HG2  H N N 33  
GLN HG3  H N N 34  
GLN HE21 H N N 35  
GLN HE22 H N N 36  
GLN HXT  H N N 37  
HOH O    O N N 38  
HOH H1   H N N 39  
HOH H2   H N N 40  
LEU N    N N N 41  
LEU CA   C N S 42  
LEU C    C N N 43  
LEU O    O N N 44  
LEU CB   C N N 45  
LEU CG   C N N 46  
LEU CD1  C N N 47  
LEU CD2  C N N 48  
LEU OXT  O N N 49  
LEU H    H N N 50  
LEU H2   H N N 51  
LEU HA   H N N 52  
LEU HB2  H N N 53  
LEU HB3  H N N 54  
LEU HG   H N N 55  
LEU HD11 H N N 56  
LEU HD12 H N N 57  
LEU HD13 H N N 58  
LEU HD21 H N N 59  
LEU HD22 H N N 60  
LEU HD23 H N N 61  
LEU HXT  H N N 62  
NLE N    N N N 63  
NLE CA   C N S 64  
NLE C    C N N 65  
NLE O    O N N 66  
NLE OXT  O N N 67  
NLE CB   C N N 68  
NLE CG   C N N 69  
NLE CD   C N N 70  
NLE CE   C N N 71  
NLE H    H N N 72  
NLE H2   H N N 73  
NLE HA   H N N 74  
NLE HXT  H N N 75  
NLE HB2  H N N 76  
NLE HB3  H N N 77  
NLE HG2  H N N 78  
NLE HG3  H N N 79  
NLE HD2  H N N 80  
NLE HD3  H N N 81  
NLE HE1  H N N 82  
NLE HE2  H N N 83  
NLE HE3  H N N 84  
TYR N    N N N 85  
TYR CA   C N S 86  
TYR C    C N N 87  
TYR O    O N N 88  
TYR CB   C N N 89  
TYR CG   C Y N 90  
TYR CD1  C Y N 91  
TYR CD2  C Y N 92  
TYR CE1  C Y N 93  
TYR CE2  C Y N 94  
TYR CZ   C Y N 95  
TYR OH   O N N 96  
TYR OXT  O N N 97  
TYR H    H N N 98  
TYR H2   H N N 99  
TYR HA   H N N 100 
TYR HB2  H N N 101 
TYR HB3  H N N 102 
TYR HD1  H N N 103 
TYR HD2  H N N 104 
TYR HE1  H N N 105 
TYR HE2  H N N 106 
TYR HH   H N N 107 
TYR HXT  H N N 108 
# 
loop_
_chem_comp_bond.comp_id 
_chem_comp_bond.atom_id_1 
_chem_comp_bond.atom_id_2 
_chem_comp_bond.value_order 
_chem_comp_bond.pdbx_aromatic_flag 
_chem_comp_bond.pdbx_stereo_config 
_chem_comp_bond.pdbx_ordinal 
ASN N   CA   sing N N 1   
ASN N   H    sing N N 2   
ASN N   H2   sing N N 3   
ASN CA  C    sing N N 4   
ASN CA  CB   sing N N 5   
ASN CA  HA   sing N N 6   
ASN C   O    doub N N 7   
ASN C   OXT  sing N N 8   
ASN CB  CG   sing N N 9   
ASN CB  HB2  sing N N 10  
ASN CB  HB3  sing N N 11  
ASN CG  OD1  doub N N 12  
ASN CG  ND2  sing N N 13  
ASN ND2 HD21 sing N N 14  
ASN ND2 HD22 sing N N 15  
ASN OXT HXT  sing N N 16  
GLN N   CA   sing N N 17  
GLN N   H    sing N N 18  
GLN N   H2   sing N N 19  
GLN CA  C    sing N N 20  
GLN CA  CB   sing N N 21  
GLN CA  HA   sing N N 22  
GLN C   O    doub N N 23  
GLN C   OXT  sing N N 24  
GLN CB  CG   sing N N 25  
GLN CB  HB2  sing N N 26  
GLN CB  HB3  sing N N 27  
GLN CG  CD   sing N N 28  
GLN CG  HG2  sing N N 29  
GLN CG  HG3  sing N N 30  
GLN CD  OE1  doub N N 31  
GLN CD  NE2  sing N N 32  
GLN NE2 HE21 sing N N 33  
GLN NE2 HE22 sing N N 34  
GLN OXT HXT  sing N N 35  
HOH O   H1   sing N N 36  
HOH O   H2   sing N N 37  
LEU N   CA   sing N N 38  
LEU N   H    sing N N 39  
LEU N   H2   sing N N 40  
LEU CA  C    sing N N 41  
LEU CA  CB   sing N N 42  
LEU CA  HA   sing N N 43  
LEU C   O    doub N N 44  
LEU C   OXT  sing N N 45  
LEU CB  CG   sing N N 46  
LEU CB  HB2  sing N N 47  
LEU CB  HB3  sing N N 48  
LEU CG  CD1  sing N N 49  
LEU CG  CD2  sing N N 50  
LEU CG  HG   sing N N 51  
LEU CD1 HD11 sing N N 52  
LEU CD1 HD12 sing N N 53  
LEU CD1 HD13 sing N N 54  
LEU CD2 HD21 sing N N 55  
LEU CD2 HD22 sing N N 56  
LEU CD2 HD23 sing N N 57  
LEU OXT HXT  sing N N 58  
NLE N   CA   sing N N 59  
NLE N   H    sing N N 60  
NLE N   H2   sing N N 61  
NLE CA  C    sing N N 62  
NLE CA  CB   sing N N 63  
NLE CA  HA   sing N N 64  
NLE C   O    doub N N 65  
NLE C   OXT  sing N N 66  
NLE OXT HXT  sing N N 67  
NLE CB  CG   sing N N 68  
NLE CB  HB2  sing N N 69  
NLE CB  HB3  sing N N 70  
NLE CG  CD   sing N N 71  
NLE CG  HG2  sing N N 72  
NLE CG  HG3  sing N N 73  
NLE CD  CE   sing N N 74  
NLE CD  HD2  sing N N 75  
NLE CD  HD3  sing N N 76  
NLE CE  HE1  sing N N 77  
NLE CE  HE2  sing N N 78  
NLE CE  HE3  sing N N 79  
TYR N   CA   sing N N 80  
TYR N   H    sing N N 81  
TYR N   H2   sing N N 82  
TYR CA  C    sing N N 83  
TYR CA  CB   sing N N 84  
TYR CA  HA   sing N N 85  
TYR C   O    doub N N 86  
TYR C   OXT  sing N N 87  
TYR CB  CG   sing N N 88  
TYR CB  HB2  sing N N 89  
TYR CB  HB3  sing N N 90  
TYR CG  CD1  doub Y N 91  
TYR CG  CD2  sing Y N 92  
TYR CD1 CE1  sing Y N 93  
TYR CD1 HD1  sing N N 94  
TYR CD2 CE2  doub Y N 95  
TYR CD2 HD2  sing N N 96  
TYR CE1 CZ   doub Y N 97  
TYR CE1 HE1  sing N N 98  
TYR CE2 CZ   sing Y N 99  
TYR CE2 HE2  sing N N 100 
TYR CZ  OH   sing N N 101 
TYR OH  HH   sing N N 102 
TYR OXT HXT  sing N N 103 
# 
loop_
_pdbx_audit_support.funding_organization 
_pdbx_audit_support.country 
_pdbx_audit_support.grant_number 
_pdbx_audit_support.ordinal 
'Hungarian National Research, Development and Innovation Office' Hungary          2018-1.2.1-NKP-2018-00005 1 
'European Regional Development Fund'                             'European Union' 
'VEKOP-2.3.2-16-2017-00014, VEKOP-2.3.3-15-2017-00018' 2 
'Hungarian National Research, Development and Innovation Office' Hungary          'Thematic Excellence Program Synth+' 3 
# 
_pdbx_initial_refinement_model.id               1 
_pdbx_initial_refinement_model.entity_id_list   ? 
_pdbx_initial_refinement_model.type             'in silico model' 
_pdbx_initial_refinement_model.source_name      Other 
_pdbx_initial_refinement_model.accession_code   ? 
_pdbx_initial_refinement_model.details          'ideal 5 residue beta strand' 
# 
_space_group.name_H-M_alt     'P 21 21 21' 
_space_group.name_Hall        'P 2ac 2ab' 
_space_group.IT_number        19 
_space_group.crystal_system   orthorhombic 
_space_group.id               1 
# 
_atom_sites.entry_id                    9GJ4 
_atom_sites.Cartn_transf_matrix[1][1]   ? 
_atom_sites.Cartn_transf_matrix[1][2]   ? 
_atom_sites.Cartn_transf_matrix[1][3]   ? 
_atom_sites.Cartn_transf_matrix[2][1]   ? 
_atom_sites.Cartn_transf_matrix[2][2]   ? 
_atom_sites.Cartn_transf_matrix[2][3]   ? 
_atom_sites.Cartn_transf_matrix[3][1]   ? 
_atom_sites.Cartn_transf_matrix[3][2]   ? 
_atom_sites.Cartn_transf_matrix[3][3]   ? 
_atom_sites.Cartn_transf_vector[1]      ? 
_atom_sites.Cartn_transf_vector[2]      ? 
_atom_sites.Cartn_transf_vector[3]      ? 
_atom_sites.Cartn_transform_axes        ? 
_atom_sites.fract_transf_matrix[1][1]   0.08850365 
_atom_sites.fract_transf_matrix[1][2]   -0.09233232 
_atom_sites.fract_transf_matrix[1][3]   -0.16302836 
_atom_sites.fract_transf_matrix[2][1]   0.00795894 
_atom_sites.fract_transf_matrix[2][2]   0.04283231 
_atom_sites.fract_transf_matrix[2][3]   -0.01993771 
_atom_sites.fract_transf_matrix[3][1]   0.02081137 
_atom_sites.fract_transf_matrix[3][2]   0.00110151 
_atom_sites.fract_transf_matrix[3][3]   0.01067408 
_atom_sites.fract_transf_vector[1]      -0.032759 
_atom_sites.fract_transf_vector[2]      0.007579 
_atom_sites.fract_transf_vector[3]      0.076400 
_atom_sites.solution_primary            ? 
_atom_sites.solution_secondary          ? 
_atom_sites.solution_hydrogens          ? 
_atom_sites.special_details             ? 
# 
loop_
_atom_type.symbol 
_atom_type.scat_dispersion_real 
_atom_type.scat_dispersion_imag 
_atom_type.scat_Cromer_Mann_a1 
_atom_type.scat_Cromer_Mann_a2 
_atom_type.scat_Cromer_Mann_a3 
_atom_type.scat_Cromer_Mann_a4 
_atom_type.scat_Cromer_Mann_b1 
_atom_type.scat_Cromer_Mann_b2 
_atom_type.scat_Cromer_Mann_b3 
_atom_type.scat_Cromer_Mann_b4 
_atom_type.scat_Cromer_Mann_c 
_atom_type.scat_source 
_atom_type.scat_dispersion_source 
C ? ? 3.54356 2.42580 ? ? 25.62398 1.50364 ? ? 0.0 
;2-Gaussian fit: Grosse-Kunstleve RW, Sauter NK, Adams PD: Newsletter of the IUCr Commission on Crystallographic Computing 2004, 3, 22-31.
;
? 
H ? ? 0.51345 0.48472 ? ? 24.73122 6.32584 ? ? 0.0 
;2-Gaussian fit: Grosse-Kunstleve RW, Sauter NK, Adams PD: Newsletter of the IUCr Commission on Crystallographic Computing 2004, 3, 22-31.
;
? 
N ? ? 4.01032 2.96436 ? ? 19.97189 1.75589 ? ? 0.0 
;2-Gaussian fit: Grosse-Kunstleve RW, Sauter NK, Adams PD: Newsletter of the IUCr Commission on Crystallographic Computing 2004, 3, 22-31.
;
? 
O ? ? 4.49882 3.47563 ? ? 15.80542 1.70748 ? ? 0.0 
;2-Gaussian fit: Grosse-Kunstleve RW, Sauter NK, Adams PD: Newsletter of the IUCr Commission on Crystallographic Computing 2004, 3, 22-31.
;
? 
# 
loop_
_atom_site.group_PDB 
_atom_site.id 
_atom_site.type_symbol 
_atom_site.label_atom_id 
_atom_site.label_alt_id 
_atom_site.label_comp_id 
_atom_site.label_asym_id 
_atom_site.label_entity_id 
_atom_site.label_seq_id 
_atom_site.pdbx_PDB_ins_code 
_atom_site.Cartn_x 
_atom_site.Cartn_y 
_atom_site.Cartn_z 
_atom_site.occupancy 
_atom_site.B_iso_or_equiv 
_atom_site.pdbx_formal_charge 
_atom_site.auth_seq_id 
_atom_site.auth_comp_id 
_atom_site.auth_asym_id 
_atom_site.auth_atom_id 
_atom_site.pdbx_PDB_model_num 
ATOM   1   N N    . LEU A 1 1 ? -7.67865 -2.15312 -2.73943 1.000 8.20231  ? 1   LEU A N    1 
ATOM   2   C CA   A LEU A 1 1 ? -6.56360 -1.17428 -2.98062 0.670 7.06957  ? 1   LEU A CA   1 
ATOM   3   C CA   B LEU A 1 1 ? -6.57234 -1.18462 -2.97367 0.330 7.12644  ? 1   LEU A CA   1 
ATOM   4   C C    . LEU A 1 1 ? -5.73615 -1.02833 -1.70993 1.000 6.31001  ? 1   LEU A C    1 
ATOM   5   O O    . LEU A 1 1 ? -6.23371 -0.62988 -0.65276 1.000 6.76891  ? 1   LEU A O    1 
ATOM   6   C CB   A LEU A 1 1 ? -7.12924 0.17140  -3.43476 0.670 7.85576  ? 1   LEU A CB   1 
ATOM   7   C CB   B LEU A 1 1 ? -7.15526 0.14547  -3.42014 0.330 7.86403  ? 1   LEU A CB   1 
ATOM   8   C CG   A LEU A 1 1 ? -6.17849 1.07425  -4.21236 0.670 8.86059  ? 1   LEU A CG   1 
ATOM   9   C CG   B LEU A 1 1 ? -6.22102 1.30314  -3.72442 0.330 9.84605  ? 1   LEU A CG   1 
ATOM   10  C CD1  A LEU A 1 1 ? -7.01653 2.07317  -4.96892 0.670 13.56716 ? 1   LEU A CD1  1 
ATOM   11  C CD1  B LEU A 1 1 ? -5.07363 0.92637  -4.65740 0.330 10.56286 ? 1   LEU A CD1  1 
ATOM   12  C CD2  A LEU A 1 1 ? -5.19638 1.77264  -3.28246 0.670 10.38537 ? 1   LEU A CD2  1 
ATOM   13  C CD2  B LEU A 1 1 ? -7.12030 2.33703  -4.34150 0.330 11.88348 ? 1   LEU A CD2  1 
ATOM   14  H H1   A LEU A 1 1 ? -8.17928 -2.21898 -3.47233 0.670 9.85980  ? 1   LEU A H1   1 
ATOM   15  H H1   B LEU A 1 1 ? -8.20793 -2.17752 -3.45453 0.330 9.85980  ? 1   LEU A H1   1 
ATOM   16  H H2   A LEU A 1 1 ? -7.33596 -2.95032 -2.54160 0.670 9.85980  ? 1   LEU A H2   1 
ATOM   17  H H2   B LEU A 1 1 ? -7.33849 -2.96264 -2.59435 0.330 9.85980  ? 1   LEU A H2   1 
ATOM   18  H H3   A LEU A 1 1 ? -8.18085 -1.86957 -2.06158 0.670 9.85980  ? 1   LEU A H3   1 
ATOM   19  H H3   B LEU A 1 1 ? -8.15081 -1.89809 -2.02942 0.330 9.85980  ? 1   LEU A H3   1 
ATOM   20  H HA   . LEU A 1 1 ? -5.97981 -1.48659 -3.68954 1.000 8.56876  ? 1   LEU A HA   1 
ATOM   21  H HB2  A LEU A 1 1 ? -7.89313 -0.00046 -4.00733 0.670 9.44394  ? 1   LEU A HB2  1 
ATOM   22  H HB2  B LEU A 1 1 ? -7.66005 -0.01809 -4.23213 0.330 9.45386  ? 1   LEU A HB2  1 
ATOM   23  H HB3  A LEU A 1 1 ? -7.40931 0.66220  -2.64636 0.670 9.44394  ? 1   LEU A HB3  1 
ATOM   24  H HB3  B LEU A 1 1 ? -7.74867 0.45176  -2.71661 0.330 9.45386  ? 1   LEU A HB3  1 
ATOM   25  H HG   A LEU A 1 1 ? -5.64200 0.55523  -4.83178 0.670 10.64974 ? 1   LEU A HG   1 
ATOM   26  H HG   B LEU A 1 1 ? -5.76677 1.62251  -2.92909 0.330 11.83229 ? 1   LEU A HG   1 
ATOM   27  H HD11 A LEU A 1 1 ? -6.53285 2.91200  -5.02639 0.670 16.29762 ? 1   LEU A HD11 1 
ATOM   28  H HD11 B LEU A 1 1 ? -5.40819 0.88008  -5.56670 0.330 12.69245 ? 1   LEU A HD11 1 
ATOM   29  H HD12 A LEU A 1 1 ? -7.19012 1.72975  -5.85932 0.670 16.29762 ? 1   LEU A HD12 1 
ATOM   30  H HD12 B LEU A 1 1 ? -4.38029 1.60178  -4.59402 0.330 12.69245 ? 1   LEU A HD12 1 
ATOM   31  H HD13 A LEU A 1 1 ? -7.85331 2.20554  -4.49650 0.670 16.29762 ? 1   LEU A HD13 1 
ATOM   32  H HD13 B LEU A 1 1 ? -4.72011 0.06337  -4.39067 0.330 12.69245 ? 1   LEU A HD13 1 
ATOM   33  H HD21 A LEU A 1 1 ? -4.95947 1.16819  -2.56176 0.670 12.47948 ? 1   LEU A HD21 1 
ATOM   34  H HD21 B LEU A 1 1 ? -6.66868 3.19541  -4.33056 0.330 14.27721 ? 1   LEU A HD21 1 
ATOM   35  H HD22 A LEU A 1 1 ? -4.40305 2.01485  -3.78531 0.670 12.47948 ? 1   LEU A HD22 1 
ATOM   36  H HD22 B LEU A 1 1 ? -7.31781 2.07879  -5.25540 0.330 14.27721 ? 1   LEU A HD22 1 
ATOM   37  H HD23 A LEU A 1 1 ? -5.61536 2.56957  -2.92154 0.670 12.47948 ? 1   LEU A HD23 1 
ATOM   38  H HD23 B LEU A 1 1 ? -7.94134 2.38865  -3.82758 0.330 14.27721 ? 1   LEU A HD23 1 
ATOM   39  N N    . TYR A 1 2 ? -4.45994 -1.35373 -1.84015 1.000 5.60563  ? 2   TYR A N    1 
ATOM   40  C CA   . TYR A 1 2 ? -3.52769 -1.40223 -0.73526 1.000 3.36862  ? 2   TYR A CA   1 
ATOM   41  C C    . TYR A 1 2 ? -2.18294 -0.85827 -1.15406 1.000 5.07857  ? 2   TYR A C    1 
ATOM   42  O O    . TYR A 1 2 ? -1.61716 -1.28026 -2.14332 1.000 5.93858  ? 2   TYR A O    1 
ATOM   43  C CB   . TYR A 1 2 ? -3.33933 -2.83929 -0.28341 1.000 5.51504  ? 2   TYR A CB   1 
ATOM   44  C CG   . TYR A 1 2 ? -2.77787 -3.12563 1.09694  1.000 7.34800  ? 2   TYR A CG   1 
ATOM   45  C CD1  . TYR A 1 2 ? -2.48256 -2.14323 2.03363  1.000 3.81185  ? 2   TYR A CD1  1 
ATOM   46  C CD2  . TYR A 1 2 ? -2.56264 -4.41542 1.44939  1.000 3.90949  ? 2   TYR A CD2  1 
ATOM   47  C CE1  . TYR A 1 2 ? -2.00911 -2.49459 3.30248  1.000 4.84535  ? 2   TYR A CE1  1 
ATOM   48  C CE2  . TYR A 1 2 ? -2.08526 -4.76822 2.69457  1.000 6.67378  ? 2   TYR A CE2  1 
ATOM   49  C CZ   . TYR A 1 2 ? -1.82472 -3.80752 3.61019  1.000 6.69413  ? 2   TYR A CZ   1 
ATOM   50  O OH   . TYR A 1 2 ? -1.38778 -4.22687 4.86535  1.000 7.63844  ? 2   TYR A OH   1 
ATOM   51  H H    . TYR A 1 2 ? -4.09646 -1.55908 -2.59203 1.000 6.74378  ? 2   TYR A H    1 
ATOM   52  H HA   . TYR A 1 2 ? -3.87598 -0.87260 -0.00103 1.000 4.05938  ? 2   TYR A HA   1 
ATOM   53  H HB2  . TYR A 1 2 ? -4.20866 -3.26835 -0.31595 1.000 6.63507  ? 2   TYR A HB2  1 
ATOM   54  H HB3  . TYR A 1 2 ? -2.73627 -3.26334 -0.91382 1.000 6.63507  ? 2   TYR A HB3  1 
ATOM   55  H HD1  . TYR A 1 2 ? -2.60026 -1.24672 1.81606  1.000 4.59125  ? 2   TYR A HD1  1 
ATOM   56  H HD2  . TYR A 1 2 ? -2.74281 -5.08614 0.83085  1.000 4.70841  ? 2   TYR A HD2  1 
ATOM   57  H HE1  . TYR A 1 2 ? -1.82167 -1.83554 3.93131  1.000 5.83145  ? 2   TYR A HE1  1 
ATOM   58  H HE2  . TYR A 1 2 ? -1.94312 -5.66320 2.90365  1.000 8.02557  ? 2   TYR A HE2  1 
ATOM   59  H HH   . TYR A 1 2 ? -1.65257 -3.69102 5.45556  1.000 9.18315  ? 2   TYR A HH   1 
HETATM 60  N N    . NLE A 1 3 ? -1.69080 0.08180  -0.37888 1.000 4.31603  ? 3   NLE A N    1 
HETATM 61  C CA   . NLE A 1 3 ? -0.34138 0.64725  -0.61433 1.000 4.84000  ? 3   NLE A CA   1 
HETATM 62  C C    . NLE A 1 3 ? 0.44248  0.57323  0.66844  1.000 3.70044  ? 3   NLE A C    1 
HETATM 63  O O    . NLE A 1 3 ? -0.04235 1.02454  1.67744  1.000 4.96765  ? 3   NLE A O    1 
HETATM 64  C CB   . NLE A 1 3 ? -0.48302 2.07756  -1.12000 1.000 9.72376  ? 3   NLE A CB   1 
HETATM 65  C CG   . NLE A 1 3 ? 0.81420  2.72901  -1.54043 1.000 20.03720 ? 3   NLE A CG   1 
HETATM 66  C CD   . NLE A 1 3 ? 0.57725  4.13053  -2.24209 1.000 23.09471 ? 3   NLE A CD   1 
HETATM 67  C CE   . NLE A 1 3 ? -0.68239 4.30759  -3.16041 1.000 23.35106 ? 3   NLE A CE   1 
HETATM 68  H H    . NLE A 1 3 ? -2.07878 0.48861  0.30837  1.000 5.19626  ? 3   NLE A H    1 
HETATM 69  H HA   . NLE A 1 3 ? 0.15011  0.15796  -1.29251 1.000 5.82503  ? 3   NLE A HA   1 
HETATM 70  H HB2  . NLE A 1 3 ? -1.07211 2.07519  -1.89062 1.000 11.68554 ? 3   NLE A HB2  1 
HETATM 71  H HB3  . NLE A 1 3 ? -0.86561 2.61854  -0.41158 1.000 11.68554 ? 3   NLE A HB3  1 
HETATM 72  H HG2  . NLE A 1 3 ? 1.36764  2.87284  -0.75691 1.000 24.06166 ? 3   NLE A HG2  1 
HETATM 73  H HG3  . NLE A 1 3 ? 1.27304  2.14993  -2.16894 1.000 24.06166 ? 3   NLE A HG3  1 
HETATM 74  H HD2  . NLE A 1 3 ? 0.50375  4.79988  -1.54390 1.000 27.73068 ? 3   NLE A HD2  1 
HETATM 75  H HD3  . NLE A 1 3 ? 1.35017  4.31492  -2.79841 1.000 27.73068 ? 3   NLE A HD3  1 
HETATM 76  H HE1  . NLE A 1 3 ? -0.47831 3.96720  -4.04550 1.000 28.03830 ? 3   NLE A HE1  1 
HETATM 77  H HE2  . NLE A 1 3 ? -1.42383 3.81237  -2.77840 1.000 28.03830 ? 3   NLE A HE2  1 
HETATM 78  H HE3  . NLE A 1 3 ? -0.90570 5.25013  -3.21188 1.000 28.03830 ? 3   NLE A HE3  1 
ATOM   79  N N    . GLN A 1 4 ? 1.64926  0.00653  0.61148  1.000 4.28653  ? 4   GLN A N    1 
ATOM   80  C CA   . GLN A 1 4 ? 2.57351  -0.06810 1.74941  1.000 4.07184  ? 4   GLN A CA   1 
ATOM   81  C C    . GLN A 1 4 ? 3.91047  0.49198  1.31709  1.000 5.10976  ? 4   GLN A C    1 
ATOM   82  O O    . GLN A 1 4 ? 4.45953  0.07061  0.30405  1.000 4.62746  ? 4   GLN A O    1 
ATOM   83  C CB   . GLN A 1 4 ? 2.76305  -1.50238 2.22711  1.000 5.80855  ? 4   GLN A CB   1 
ATOM   84  C CG   . GLN A 1 4 ? 1.48765  -2.11226 2.76907  1.000 8.50331  ? 4   GLN A CG   1 
ATOM   85  C CD   . GLN A 1 4 ? 1.71563  -3.54450 3.25013  1.000 8.64148  ? 4   GLN A CD   1 
ATOM   86  O OE1  . GLN A 1 4 ? 1.60037  -3.85638 4.44212  1.000 13.06809 ? 4   GLN A OE1  1 
ATOM   87  N NE2  . GLN A 1 4 ? 2.04858  -4.39317 2.34114  1.000 6.21978  ? 4   GLN A NE2  1 
ATOM   88  H H    . GLN A 1 4 ? 1.96959  -0.35564 -0.09973 1.000 5.16087  ? 4   GLN A H    1 
ATOM   89  H HA   . GLN A 1 4 ? 2.21285  0.43540  2.49594  1.000 4.90324  ? 4   GLN A HA   1 
ATOM   90  H HB2  . GLN A 1 4 ? 3.06317  -2.04621 1.48208  1.000 6.98729  ? 4   GLN A HB2  1 
ATOM   91  H HB3  . GLN A 1 4 ? 3.42620  -1.51435 2.93492  1.000 6.98729  ? 4   GLN A HB3  1 
ATOM   92  H HG2  . GLN A 1 4 ? 1.17246  -1.58428 3.51926  1.000 10.22100 ? 4   GLN A HG2  1 
ATOM   93  H HG3  . GLN A 1 4 ? 0.81628  -2.12805 2.06913  1.000 10.22100 ? 4   GLN A HG3  1 
ATOM   94  H HE21 . GLN A 1 4 ? 2.12928  -4.13831 1.52374  1.000 7.48077  ? 4   GLN A HE21 1 
ATOM   95  H HE22 . GLN A 1 4 ? 2.19029  -5.21497 2.55130  1.000 7.48077  ? 4   GLN A HE22 1 
ATOM   96  N N    . ASN A 1 5 ? 4.38633  1.48880  2.03889  1.000 5.43824  ? 5   ASN A N    1 
ATOM   97  C CA   . ASN A 1 5 ? 5.68229  2.08818  1.78309  1.000 6.41594  ? 5   ASN A CA   1 
ATOM   98  C C    . ASN A 1 5 ? 6.58039  1.87013  2.98636  1.000 4.82267  ? 5   ASN A C    1 
ATOM   99  O O    . ASN A 1 5 ? 6.21086  2.20966  4.11167  1.000 7.39105  ? 5   ASN A O    1 
ATOM   100 C CB   . ASN A 1 5 ? 5.53010  3.57582  1.48522  1.000 6.70839  ? 5   ASN A CB   1 
ATOM   101 C CG   . ASN A 1 5 ? 4.73323  3.82206  0.22384  1.000 7.40027  ? 5   ASN A CG   1 
ATOM   102 O OD1  . ASN A 1 5 ? 5.05938  3.30277  -0.85191 1.000 9.45064  ? 5   ASN A OD1  1 
ATOM   103 N ND2  . ASN A 1 5 ? 3.69432  4.62600  0.34919  1.000 10.38493 ? 5   ASN A ND2  1 
ATOM   104 H H    . ASN A 1 5 ? 3.96630  1.84471  2.69958  1.000 6.54291  ? 5   ASN A H    1 
ATOM   105 H HA   . ASN A 1 5 ? 6.10235  1.66329  1.01896  1.000 7.71616  ? 5   ASN A HA   1 
ATOM   106 H HB2  . ASN A 1 5 ? 5.06881  4.00349  2.22360  1.000 8.06710  ? 5   ASN A HB2  1 
ATOM   107 H HB3  . ASN A 1 5 ? 6.40903  3.96975  1.37032  1.000 8.06710  ? 5   ASN A HB3  1 
ATOM   108 H HD21 . ASN A 1 5 ? 3.50849  4.97240  1.11409  1.000 12.47895 ? 5   ASN A HD21 1 
ATOM   109 H HD22 . ASN A 1 5 ? 3.20310  4.80353  -0.33402 1.000 12.47895 ? 5   ASN A HD22 1 
ATOM   110 N N    . TYR A 1 6 ? 7.77948  1.39248  2.72561  1.000 5.15855  ? 6   TYR A N    1 
ATOM   111 C CA   . TYR A 1 6 ? 8.74922  1.09379  3.77137  1.000 5.84566  ? 6   TYR A CA   1 
ATOM   112 C C    . TYR A 1 6 ? 10.08284 1.72892  3.54173  1.000 9.16911  ? 6   TYR A C    1 
ATOM   113 O O    . TYR A 1 6 ? 10.35502 2.14097  2.43220  1.000 9.76340  ? 6   TYR A O    1 
ATOM   114 C CB   . TYR A 1 6 ? 9.03112  -0.40334 3.84710  1.000 6.76645  ? 6   TYR A CB   1 
ATOM   115 C CG   . TYR A 1 6 ? 7.87856  -1.31291 4.08423  1.000 7.17223  ? 6   TYR A CG   1 
ATOM   116 C CD1  . TYR A 1 6 ? 7.19584  -1.82710 3.01281  1.000 7.29649  ? 6   TYR A CD1  1 
ATOM   117 C CD2  . TYR A 1 6 ? 7.52677  -1.72100 5.36297  1.000 7.65466  ? 6   TYR A CD2  1 
ATOM   118 C CE1  . TYR A 1 6 ? 6.17577  -2.67731 3.17670  1.000 9.04108  ? 6   TYR A CE1  1 
ATOM   119 C CE2  . TYR A 1 6 ? 6.44440  -2.57637 5.55926  1.000 7.83943  ? 6   TYR A CE2  1 
ATOM   120 C CZ   . TYR A 1 6 ? 5.79921  -3.05834 4.46933  1.000 7.17242  ? 6   TYR A CZ   1 
ATOM   121 O OH   . TYR A 1 6 ? 4.76450  -3.93489 4.59333  1.000 10.55623 ? 6   TYR A OH   1 
ATOM   122 O OXT  . TYR A 1 6 ? 10.95080 1.70006  4.40081  1.000 10.23992 ? 6   TYR A OXT  1 
ATOM   123 H H    . TYR A 1 6 ? 8.06852  1.22646  1.93283  1.000 6.20728  ? 6   TYR A H    1 
ATOM   124 H HA   . TYR A 1 6 ? 8.35574  1.43076  4.59145  1.000 7.03182  ? 6   TYR A HA   1 
ATOM   125 H HB2  . TYR A 1 6 ? 9.43053  -0.67272 3.00519  1.000 8.13677  ? 6   TYR A HB2  1 
ATOM   126 H HB3  . TYR A 1 6 ? 9.65694  -0.55077 4.57340  1.000 8.13677  ? 6   TYR A HB3  1 
ATOM   127 H HD1  . TYR A 1 6 ? 7.44729  -1.57945 2.15238  1.000 8.77281  ? 6   TYR A HD1  1 
ATOM   128 H HD2  . TYR A 1 6 ? 8.01695  -1.42145 6.09433  1.000 9.20262  ? 6   TYR A HD2  1 
ATOM   129 H HE1  . TYR A 1 6 ? 5.72094  -3.01214 2.43784  1.000 10.86633 ? 6   TYR A HE1  1 
ATOM   130 H HE2  . TYR A 1 6 ? 6.17157  -2.81067 6.41692  1.000 9.42434  ? 6   TYR A HE2  1 
ATOM   131 H HH   . TYR A 1 6 ? 4.19025  -3.78753 3.99824  1.000 12.68451 ? 6   TYR A HH   1 
HETATM 132 O O    . HOH B 2 . ? 9.38162  3.20755  0.12194  1.000 9.71542  ? 101 HOH A O    1 
# 
